data_7IAG
#
_entry.id   7IAG
#
_cell.length_a   42.507
_cell.length_b   42.507
_cell.length_c   216.227
_cell.angle_alpha   90.000
_cell.angle_beta   90.000
_cell.angle_gamma   90.000
#
_symmetry.space_group_name_H-M   'P 43 2 2'
#
loop_
_entity.id
_entity.type
_entity.pdbx_description
1 polymer 'Serine protease subunit NS2B'
2 polymer 'Serine protease NS3'
3 non-polymer 'DIMETHYL SULFOXIDE'
4 non-polymer (2R)-2-(6-chloro-1H-indazol-4-yl)-2-[(2,3-dihydro-1H-isoindol-5-yl)amino]-N-propylacetamide
5 water water
#
loop_
_entity_poly.entity_id
_entity_poly.type
_entity_poly.pdbx_seq_one_letter_code
_entity_poly.pdbx_strand_id
1 'polypeptide(L)' SMGKSVDMYIERAGDITWEKDAEVTGNSPRLDVALDESGDFSLVEE A
2 'polypeptide(L)'
;MKEVKKGETTDGVYRVMTRRLLGSTQVGVGVMQEGVFHTMWHVTKGAALRSGEGRLDPYWGDVKQDLVSYCGPWKLDAAW
DGLSEVQLLAVPPGERAKNIQTLPGIFKTKDGDIGAVALDYPAGTSGSPILDKCGRVIGLYGNGVVIKNGSYVSAITQGK
REEETPVE
;
B
#
loop_
_chem_comp.id
_chem_comp.type
_chem_comp.name
_chem_comp.formula
A1B9B non-polymer (2R)-2-(6-chloro-1H-indazol-4-yl)-2-[(2,3-dihydro-1H-isoindol-5-yl)amino]-N-propylacetamide 'C20 H22 Cl N5 O'
DMS non-polymer 'DIMETHYL SULFOXIDE' 'C2 H6 O S'
#
# COMPACT_ATOMS: atom_id res chain seq x y z
N ASP A 7 17.75 5.97 -10.91
CA ASP A 7 17.38 4.56 -10.82
C ASP A 7 16.93 4.19 -9.41
N MET A 8 15.76 3.53 -9.32
CA MET A 8 15.17 3.11 -8.06
C MET A 8 15.69 1.74 -7.60
N TYR A 9 15.59 1.48 -6.28
CA TYR A 9 16.02 0.22 -5.67
C TYR A 9 15.20 -0.12 -4.42
N ILE A 10 15.15 -1.41 -4.06
CA ILE A 10 14.40 -1.85 -2.89
C ILE A 10 15.33 -2.29 -1.73
N GLU A 11 14.83 -2.17 -0.49
CA GLU A 11 15.54 -2.55 0.75
C GLU A 11 14.53 -3.21 1.66
N ARG A 12 14.83 -4.37 2.25
CA ARG A 12 13.89 -5.03 3.15
C ARG A 12 13.62 -4.19 4.39
N ALA A 13 12.38 -4.18 4.89
CA ALA A 13 11.99 -3.39 6.05
C ALA A 13 11.36 -4.20 7.21
N GLY A 14 10.94 -5.42 6.94
CA GLY A 14 10.35 -6.28 7.97
C GLY A 14 9.56 -7.45 7.46
N ASP A 15 8.94 -8.20 8.38
CA ASP A 15 8.09 -9.34 8.07
C ASP A 15 6.64 -8.92 8.04
N ILE A 16 5.80 -9.65 7.30
CA ILE A 16 4.38 -9.33 7.28
C ILE A 16 3.66 -10.17 8.34
N THR A 17 3.62 -9.65 9.57
N THR A 17 3.63 -9.66 9.58
CA THR A 17 2.99 -10.31 10.71
CA THR A 17 3.02 -10.33 10.72
C THR A 17 2.11 -9.34 11.49
C THR A 17 2.14 -9.37 11.54
N TRP A 18 0.97 -9.83 11.99
CA TRP A 18 0.07 -9.03 12.81
C TRP A 18 0.66 -9.01 14.21
N GLU A 19 0.98 -7.83 14.75
CA GLU A 19 1.55 -7.75 16.09
C GLU A 19 0.44 -7.59 17.10
N LYS A 20 0.24 -8.61 17.96
CA LYS A 20 -0.78 -8.58 19.00
C LYS A 20 -0.47 -7.43 19.96
N ASP A 21 -1.49 -6.68 20.39
CA ASP A 21 -1.30 -5.54 21.28
C ASP A 21 -0.42 -4.45 20.62
N ALA A 22 -0.92 -3.87 19.52
CA ALA A 22 -0.25 -2.76 18.81
C ALA A 22 -1.11 -1.47 18.94
N GLU A 23 -0.56 -0.29 18.57
CA GLU A 23 -1.27 1.00 18.68
C GLU A 23 -2.64 1.01 18.01
N VAL A 24 -3.73 0.98 18.80
CA VAL A 24 -5.08 1.01 18.25
C VAL A 24 -5.57 2.45 18.11
N THR A 25 -5.49 3.01 16.89
CA THR A 25 -5.93 4.38 16.64
C THR A 25 -6.57 4.53 15.25
N GLY A 26 -7.26 5.64 15.02
CA GLY A 26 -7.88 5.90 13.74
C GLY A 26 -9.37 5.68 13.71
N ASN A 27 -10.09 6.53 12.99
CA ASN A 27 -11.53 6.43 12.88
C ASN A 27 -11.98 5.64 11.62
N SER A 28 -13.29 5.38 11.47
CA SER A 28 -13.85 4.65 10.33
C SER A 28 -14.95 5.44 9.67
N PRO A 29 -14.61 6.32 8.71
CA PRO A 29 -15.63 7.16 8.08
C PRO A 29 -16.29 6.59 6.82
N ARG A 30 -17.55 6.99 6.53
CA ARG A 30 -18.25 6.56 5.32
C ARG A 30 -18.25 7.72 4.34
N LEU A 31 -17.42 7.64 3.30
CA LEU A 31 -17.26 8.71 2.33
C LEU A 31 -17.79 8.36 0.94
N ASP A 32 -18.43 9.31 0.27
CA ASP A 32 -18.90 9.10 -1.10
C ASP A 32 -17.78 9.65 -2.00
N VAL A 33 -17.06 8.78 -2.71
CA VAL A 33 -15.93 9.22 -3.55
C VAL A 33 -16.08 8.83 -5.03
N ALA A 34 -15.23 9.41 -5.91
CA ALA A 34 -15.23 9.11 -7.34
C ALA A 34 -13.80 8.86 -7.83
N LEU A 35 -13.59 7.75 -8.56
CA LEU A 35 -12.28 7.39 -9.09
C LEU A 35 -12.21 7.70 -10.58
N ASP A 36 -11.23 8.52 -11.02
CA ASP A 36 -11.14 8.89 -12.43
C ASP A 36 -10.21 7.95 -13.22
N GLU A 37 -10.15 8.13 -14.55
CA GLU A 37 -9.30 7.34 -15.43
C GLU A 37 -7.82 7.40 -15.01
N SER A 38 -7.38 8.52 -14.41
CA SER A 38 -6.00 8.68 -13.99
C SER A 38 -5.66 8.05 -12.63
N GLY A 39 -6.62 7.36 -12.01
CA GLY A 39 -6.41 6.70 -10.72
C GLY A 39 -6.52 7.60 -9.50
N ASP A 40 -7.08 8.81 -9.68
CA ASP A 40 -7.25 9.78 -8.59
C ASP A 40 -8.66 9.76 -7.98
N PHE A 41 -8.74 9.73 -6.65
CA PHE A 41 -10.01 9.75 -5.92
C PHE A 41 -10.41 11.19 -5.58
N SER A 42 -11.72 11.44 -5.51
CA SER A 42 -12.21 12.79 -5.17
C SER A 42 -13.53 12.73 -4.41
N LEU A 43 -13.74 13.63 -3.45
CA LEU A 43 -15.00 13.63 -2.69
C LEU A 43 -16.20 14.03 -3.53
N VAL A 44 -17.36 13.46 -3.20
CA VAL A 44 -18.61 13.74 -3.88
C VAL A 44 -19.59 14.24 -2.83
N GLU A 45 -20.16 15.44 -3.02
CA GLU A 45 -21.12 15.99 -2.05
C GLU A 45 -22.37 16.54 -2.73
N GLY B 7 18.66 -10.60 -6.78
CA GLY B 7 19.29 -10.69 -5.47
C GLY B 7 18.36 -11.14 -4.35
N GLU B 8 17.79 -10.18 -3.61
CA GLU B 8 16.91 -10.47 -2.48
C GLU B 8 15.44 -10.71 -2.87
N THR B 9 15.00 -11.97 -2.81
N THR B 9 15.02 -11.97 -2.81
CA THR B 9 13.63 -12.33 -3.15
CA THR B 9 13.64 -12.34 -3.14
C THR B 9 12.79 -12.71 -1.91
C THR B 9 12.81 -12.74 -1.91
N THR B 10 13.28 -12.42 -0.69
CA THR B 10 12.62 -12.75 0.57
C THR B 10 11.23 -12.15 0.76
N ASP B 11 10.25 -12.98 1.18
CA ASP B 11 8.89 -12.53 1.46
C ASP B 11 8.93 -11.50 2.60
N GLY B 12 8.34 -10.33 2.39
CA GLY B 12 8.32 -9.28 3.40
C GLY B 12 7.98 -7.92 2.85
N VAL B 13 8.01 -6.89 3.69
CA VAL B 13 7.72 -5.51 3.30
C VAL B 13 9.03 -4.78 3.00
N TYR B 14 9.09 -4.00 1.92
CA TYR B 14 10.31 -3.34 1.46
C TYR B 14 10.12 -1.84 1.27
N ARG B 15 11.21 -1.08 1.27
CA ARG B 15 11.17 0.35 0.99
C ARG B 15 11.57 0.52 -0.47
N VAL B 16 10.96 1.47 -1.16
CA VAL B 16 11.32 1.79 -2.53
C VAL B 16 12.11 3.10 -2.43
N MET B 17 13.38 3.06 -2.83
CA MET B 17 14.28 4.20 -2.66
C MET B 17 14.83 4.70 -3.98
N THR B 18 15.21 5.98 -4.02
CA THR B 18 15.83 6.56 -5.21
C THR B 18 17.05 7.42 -4.82
N ARG B 19 17.99 7.55 -5.75
CA ARG B 19 19.15 8.41 -5.51
C ARG B 19 19.21 9.63 -6.48
N ARG B 20 18.19 9.76 -7.38
CA ARG B 20 18.06 10.85 -8.36
C ARG B 20 17.89 12.23 -7.69
N LEU B 21 17.28 12.25 -6.51
CA LEU B 21 17.09 13.47 -5.74
C LEU B 21 18.30 13.67 -4.76
N LEU B 22 18.15 14.48 -3.70
CA LEU B 22 19.25 14.68 -2.75
C LEU B 22 19.36 13.46 -1.84
N GLY B 23 20.58 12.96 -1.65
CA GLY B 23 20.85 11.80 -0.81
C GLY B 23 20.04 10.57 -1.18
N SER B 24 19.55 9.83 -0.19
CA SER B 24 18.72 8.65 -0.45
C SER B 24 17.31 9.02 -0.04
N THR B 25 16.34 8.86 -0.94
CA THR B 25 14.96 9.26 -0.66
C THR B 25 13.97 8.11 -0.81
N GLN B 26 13.09 7.91 0.18
CA GLN B 26 12.08 6.86 0.09
C GLN B 26 10.83 7.40 -0.62
N VAL B 27 10.55 6.86 -1.79
CA VAL B 27 9.41 7.27 -2.60
C VAL B 27 8.13 6.46 -2.35
N GLY B 28 8.29 5.26 -1.77
CA GLY B 28 7.19 4.38 -1.47
C GLY B 28 7.63 3.13 -0.73
N VAL B 29 6.70 2.18 -0.56
CA VAL B 29 6.83 0.88 0.10
C VAL B 29 6.22 -0.21 -0.82
N GLY B 30 6.54 -1.47 -0.56
CA GLY B 30 5.99 -2.57 -1.34
C GLY B 30 6.00 -3.91 -0.64
N VAL B 31 5.25 -4.88 -1.16
CA VAL B 31 5.16 -6.21 -0.58
C VAL B 31 5.76 -7.27 -1.50
N MET B 32 6.66 -8.13 -0.99
CA MET B 32 7.20 -9.21 -1.79
C MET B 32 6.55 -10.51 -1.33
N GLN B 33 5.97 -11.27 -2.26
CA GLN B 33 5.27 -12.52 -1.93
C GLN B 33 5.28 -13.45 -3.12
N GLU B 34 5.63 -14.72 -2.90
CA GLU B 34 5.69 -15.71 -3.98
C GLU B 34 6.61 -15.26 -5.13
N GLY B 35 7.72 -14.63 -4.80
CA GLY B 35 8.69 -14.16 -5.78
C GLY B 35 8.22 -12.99 -6.62
N VAL B 36 7.20 -12.25 -6.15
CA VAL B 36 6.63 -11.12 -6.88
C VAL B 36 6.60 -9.85 -6.00
N PHE B 37 7.04 -8.69 -6.55
CA PHE B 37 7.00 -7.44 -5.80
C PHE B 37 5.75 -6.63 -6.18
N HIS B 38 4.93 -6.29 -5.21
CA HIS B 38 3.69 -5.56 -5.42
C HIS B 38 3.82 -4.18 -4.85
N THR B 39 3.45 -3.14 -5.62
CA THR B 39 3.50 -1.77 -5.11
C THR B 39 2.46 -0.88 -5.83
N MET B 40 2.27 0.35 -5.34
CA MET B 40 1.38 1.32 -5.96
C MET B 40 2.08 1.87 -7.22
N TRP B 41 1.31 2.13 -8.28
CA TRP B 41 1.86 2.62 -9.54
CA TRP B 41 1.84 2.62 -9.55
C TRP B 41 2.49 3.99 -9.43
N HIS B 42 1.85 4.95 -8.74
CA HIS B 42 2.40 6.30 -8.61
C HIS B 42 3.79 6.35 -7.97
N VAL B 43 4.20 5.29 -7.25
CA VAL B 43 5.50 5.18 -6.59
C VAL B 43 6.65 5.05 -7.59
N THR B 44 6.59 4.04 -8.49
CA THR B 44 7.64 3.79 -9.48
C THR B 44 7.35 4.37 -10.88
N LYS B 45 6.07 4.60 -11.18
CA LYS B 45 5.57 4.99 -12.50
C LYS B 45 5.84 3.86 -13.54
N GLY B 46 5.97 2.61 -13.07
CA GLY B 46 6.23 1.46 -13.91
C GLY B 46 7.68 1.28 -14.30
N ALA B 47 8.59 1.93 -13.57
CA ALA B 47 10.01 1.86 -13.88
C ALA B 47 10.65 0.64 -13.24
N ALA B 48 11.72 0.12 -13.86
CA ALA B 48 12.49 -1.02 -13.37
C ALA B 48 13.08 -0.77 -11.99
N LEU B 49 13.11 -1.80 -11.14
CA LEU B 49 13.67 -1.72 -9.79
C LEU B 49 14.98 -2.52 -9.67
N ARG B 50 15.78 -2.24 -8.64
CA ARG B 50 17.04 -2.95 -8.42
C ARG B 50 17.06 -3.53 -7.00
N SER B 51 17.53 -4.76 -6.84
CA SER B 51 17.62 -5.42 -5.53
C SER B 51 19.03 -6.00 -5.39
N GLY B 52 19.99 -5.15 -4.99
CA GLY B 52 21.39 -5.57 -4.89
C GLY B 52 21.95 -5.50 -6.30
N GLU B 53 22.45 -6.63 -6.83
CA GLU B 53 22.85 -6.65 -8.24
C GLU B 53 21.74 -7.27 -9.15
N GLY B 54 20.58 -7.61 -8.56
CA GLY B 54 19.42 -8.17 -9.23
C GLY B 54 18.51 -7.07 -9.75
N ARG B 55 17.77 -7.36 -10.82
CA ARG B 55 16.92 -6.35 -11.46
C ARG B 55 15.48 -6.81 -11.64
N LEU B 56 14.54 -6.13 -10.98
CA LEU B 56 13.12 -6.43 -11.09
C LEU B 56 12.53 -5.63 -12.24
N ASP B 57 11.78 -6.30 -13.11
CA ASP B 57 11.14 -5.64 -14.25
C ASP B 57 9.62 -5.67 -14.09
N PRO B 58 8.87 -4.64 -14.55
CA PRO B 58 7.41 -4.69 -14.42
C PRO B 58 6.80 -5.85 -15.21
N TYR B 59 5.69 -6.41 -14.72
CA TYR B 59 5.03 -7.53 -15.38
C TYR B 59 3.60 -7.14 -15.71
N TRP B 60 2.90 -6.58 -14.73
CA TRP B 60 1.52 -6.13 -14.88
C TRP B 60 1.37 -4.76 -14.23
N GLY B 61 0.50 -3.93 -14.77
CA GLY B 61 0.25 -2.61 -14.22
C GLY B 61 -1.06 -2.03 -14.67
N ASP B 62 -1.59 -1.06 -13.92
CA ASP B 62 -2.83 -0.35 -14.26
C ASP B 62 -2.88 0.98 -13.50
N VAL B 63 -2.88 2.09 -14.24
CA VAL B 63 -2.89 3.43 -13.65
C VAL B 63 -4.18 3.72 -12.88
N LYS B 64 -5.36 3.27 -13.37
CA LYS B 64 -6.63 3.50 -12.66
C LYS B 64 -6.66 2.79 -11.30
N GLN B 65 -6.32 1.48 -11.27
CA GLN B 65 -6.24 0.76 -9.99
C GLN B 65 -5.07 1.26 -9.14
N ASP B 66 -4.06 1.88 -9.77
CA ASP B 66 -2.86 2.40 -9.15
C ASP B 66 -2.05 1.27 -8.56
N LEU B 67 -1.93 0.15 -9.29
CA LEU B 67 -1.17 -1.01 -8.83
C LEU B 67 -0.16 -1.47 -9.87
N VAL B 68 0.92 -2.16 -9.44
CA VAL B 68 1.96 -2.69 -10.32
C VAL B 68 2.70 -3.89 -9.68
N SER B 69 2.89 -4.98 -10.44
CA SER B 69 3.60 -6.16 -9.97
C SER B 69 4.88 -6.39 -10.79
N TYR B 70 5.95 -6.85 -10.16
CA TYR B 70 7.27 -7.09 -10.75
C TYR B 70 7.66 -8.56 -10.65
N CYS B 71 8.35 -9.09 -11.67
CA CYS B 71 8.78 -10.50 -11.72
C CYS B 71 7.65 -11.46 -12.03
N GLY B 72 6.40 -11.06 -11.79
CA GLY B 72 5.26 -11.93 -12.10
C GLY B 72 3.91 -11.24 -11.95
N PRO B 73 2.83 -12.01 -12.08
CA PRO B 73 1.47 -11.43 -11.93
C PRO B 73 1.11 -11.08 -10.48
N TRP B 74 -0.02 -10.37 -10.27
CA TRP B 74 -0.45 -10.01 -8.91
C TRP B 74 -0.77 -11.29 -8.10
N LYS B 75 -0.21 -11.40 -6.87
CA LYS B 75 -0.34 -12.59 -6.01
C LYS B 75 -1.22 -12.38 -4.77
N LEU B 76 -1.40 -11.14 -4.33
CA LEU B 76 -2.17 -10.82 -3.12
C LEU B 76 -3.66 -10.90 -3.41
N ASP B 77 -4.42 -11.71 -2.65
CA ASP B 77 -5.84 -11.90 -2.94
C ASP B 77 -6.78 -11.89 -1.71
N ALA B 78 -6.26 -11.78 -0.48
CA ALA B 78 -7.14 -11.72 0.70
C ALA B 78 -7.95 -10.43 0.72
N ALA B 79 -9.16 -10.47 1.32
CA ALA B 79 -10.02 -9.30 1.33
C ALA B 79 -10.52 -8.99 2.72
N TRP B 80 -10.76 -7.68 3.00
CA TRP B 80 -11.31 -7.22 4.27
C TRP B 80 -12.73 -7.78 4.40
N ASP B 81 -13.07 -8.35 5.56
CA ASP B 81 -14.40 -8.92 5.75
C ASP B 81 -15.51 -7.90 6.02
N GLY B 82 -15.18 -6.60 5.98
CA GLY B 82 -16.12 -5.52 6.24
C GLY B 82 -16.55 -5.38 7.69
N LEU B 83 -15.98 -6.19 8.60
CA LEU B 83 -16.38 -6.17 9.99
C LEU B 83 -15.22 -5.97 10.94
N SER B 84 -14.15 -6.75 10.74
CA SER B 84 -13.02 -6.80 11.66
C SER B 84 -12.08 -5.60 11.61
N GLU B 85 -11.25 -5.46 12.65
CA GLU B 85 -10.22 -4.43 12.68
C GLU B 85 -9.01 -4.98 11.91
N VAL B 86 -8.38 -4.12 11.14
CA VAL B 86 -7.20 -4.48 10.35
C VAL B 86 -5.97 -3.76 10.94
N GLN B 87 -4.76 -4.06 10.44
CA GLN B 87 -3.55 -3.36 10.86
C GLN B 87 -2.87 -2.78 9.65
N LEU B 88 -2.35 -1.56 9.75
CA LEU B 88 -1.56 -0.95 8.68
C LEU B 88 -0.09 -1.22 9.08
N LEU B 89 0.70 -1.90 8.21
CA LEU B 89 2.12 -2.12 8.53
C LEU B 89 2.89 -0.95 7.94
N ALA B 90 2.81 0.22 8.60
CA ALA B 90 3.44 1.43 8.11
C ALA B 90 4.93 1.39 8.15
N VAL B 91 5.59 1.66 7.01
CA VAL B 91 7.04 1.74 6.92
C VAL B 91 7.38 3.19 6.52
N PRO B 92 7.46 4.11 7.50
CA PRO B 92 7.69 5.52 7.14
C PRO B 92 9.13 5.84 6.74
N PRO B 93 9.32 6.87 5.90
CA PRO B 93 10.68 7.23 5.48
C PRO B 93 11.65 7.43 6.63
N GLY B 94 12.69 6.61 6.67
CA GLY B 94 13.76 6.66 7.68
C GLY B 94 13.37 6.21 9.07
N GLU B 95 12.25 5.50 9.18
CA GLU B 95 11.74 5.05 10.48
C GLU B 95 11.35 3.57 10.48
N ARG B 96 11.40 2.94 11.64
CA ARG B 96 11.10 1.53 11.79
C ARG B 96 9.64 1.19 11.46
N ALA B 97 9.41 -0.03 10.91
CA ALA B 97 8.08 -0.55 10.59
C ALA B 97 7.22 -0.59 11.86
N LYS B 98 6.02 0.03 11.84
CA LYS B 98 5.18 0.10 13.02
C LYS B 98 3.73 -0.29 12.76
N ASN B 99 3.29 -1.46 13.27
CA ASN B 99 1.91 -1.93 13.07
C ASN B 99 0.92 -1.01 13.78
N ILE B 100 -0.06 -0.48 13.05
CA ILE B 100 -1.07 0.38 13.64
C ILE B 100 -2.42 -0.22 13.39
N GLN B 101 -3.03 -0.77 14.43
CA GLN B 101 -4.33 -1.40 14.33
C GLN B 101 -5.39 -0.34 14.24
N THR B 102 -6.32 -0.50 13.30
CA THR B 102 -7.41 0.42 13.06
C THR B 102 -8.64 -0.32 12.52
N LEU B 103 -9.82 0.31 12.58
CA LEU B 103 -11.04 -0.27 12.05
C LEU B 103 -11.35 0.53 10.81
N PRO B 104 -11.38 -0.13 9.63
CA PRO B 104 -11.59 0.63 8.40
C PRO B 104 -12.99 1.18 8.20
N GLY B 105 -13.03 2.25 7.45
CA GLY B 105 -14.24 2.91 7.01
C GLY B 105 -14.65 2.40 5.65
N ILE B 106 -15.37 3.22 4.89
CA ILE B 106 -15.93 2.83 3.61
C ILE B 106 -15.81 3.93 2.55
N PHE B 107 -15.57 3.51 1.32
CA PHE B 107 -15.51 4.40 0.16
C PHE B 107 -16.66 3.97 -0.72
N LYS B 108 -17.77 4.70 -0.67
CA LYS B 108 -18.93 4.38 -1.48
C LYS B 108 -18.71 4.95 -2.86
N THR B 109 -18.47 4.08 -3.84
CA THR B 109 -18.25 4.50 -5.22
C THR B 109 -19.42 4.05 -6.11
N LYS B 110 -19.50 4.56 -7.36
CA LYS B 110 -20.55 4.15 -8.29
C LYS B 110 -20.42 2.64 -8.67
N ASP B 111 -19.24 2.03 -8.43
CA ASP B 111 -18.98 0.64 -8.76
C ASP B 111 -18.93 -0.31 -7.54
N GLY B 112 -19.30 0.18 -6.37
CA GLY B 112 -19.30 -0.64 -5.16
C GLY B 112 -18.42 -0.09 -4.06
N ASP B 113 -18.59 -0.59 -2.86
CA ASP B 113 -17.82 -0.13 -1.70
C ASP B 113 -16.51 -0.87 -1.50
N ILE B 114 -15.50 -0.15 -1.02
CA ILE B 114 -14.19 -0.68 -0.65
C ILE B 114 -13.79 -0.06 0.66
N GLY B 115 -13.06 -0.81 1.47
CA GLY B 115 -12.60 -0.31 2.76
C GLY B 115 -11.71 0.91 2.66
N ALA B 116 -11.46 1.56 3.80
CA ALA B 116 -10.64 2.76 3.84
C ALA B 116 -9.97 2.91 5.19
N VAL B 117 -8.66 3.10 5.21
CA VAL B 117 -7.94 3.29 6.47
CA VAL B 117 -7.89 3.28 6.44
C VAL B 117 -7.72 4.78 6.70
N ALA B 118 -8.13 5.29 7.88
CA ALA B 118 -8.02 6.72 8.17
C ALA B 118 -6.80 7.10 9.00
N LEU B 119 -5.63 6.64 8.56
CA LEU B 119 -4.38 6.94 9.23
C LEU B 119 -3.54 7.91 8.39
N ASP B 120 -2.84 8.85 9.06
CA ASP B 120 -2.09 9.88 8.37
C ASP B 120 -0.58 9.67 8.31
N TYR B 121 -0.03 9.49 7.09
CA TYR B 121 1.39 9.23 6.92
C TYR B 121 1.99 9.99 5.74
N PRO B 122 3.32 10.26 5.76
CA PRO B 122 3.96 10.96 4.63
C PRO B 122 3.86 10.15 3.34
N ALA B 123 3.88 10.85 2.19
CA ALA B 123 3.78 10.23 0.88
C ALA B 123 4.71 9.02 0.67
N GLY B 124 5.91 9.08 1.23
CA GLY B 124 6.89 8.00 1.14
C GLY B 124 6.49 6.67 1.78
N THR B 125 5.33 6.66 2.43
CA THR B 125 4.79 5.46 3.09
C THR B 125 3.88 4.67 2.14
N SER B 126 3.44 5.26 0.97
CA SER B 126 2.55 4.63 -0.01
C SER B 126 3.02 3.26 -0.43
N GLY B 127 2.14 2.28 -0.33
CA GLY B 127 2.44 0.91 -0.69
C GLY B 127 2.63 -0.02 0.49
N SER B 128 2.34 0.48 1.71
CA SER B 128 2.44 -0.24 2.97
C SER B 128 1.29 -1.21 3.05
N PRO B 129 1.56 -2.49 3.30
CA PRO B 129 0.48 -3.47 3.36
C PRO B 129 -0.51 -3.28 4.50
N ILE B 130 -1.74 -3.71 4.28
CA ILE B 130 -2.82 -3.73 5.26
C ILE B 130 -3.10 -5.22 5.53
N LEU B 131 -3.01 -5.64 6.79
CA LEU B 131 -3.09 -7.06 7.13
C LEU B 131 -4.35 -7.48 7.84
N ASP B 132 -4.73 -8.76 7.70
CA ASP B 132 -5.85 -9.34 8.44
C ASP B 132 -5.32 -10.14 9.65
N LYS B 133 -6.20 -10.69 10.50
CA LYS B 133 -5.83 -11.44 11.70
C LYS B 133 -4.91 -12.65 11.45
N CYS B 134 -5.02 -13.31 10.27
CA CYS B 134 -4.13 -14.44 9.96
C CYS B 134 -2.73 -14.01 9.56
N GLY B 135 -2.62 -12.80 9.03
CA GLY B 135 -1.38 -12.22 8.54
C GLY B 135 -1.36 -12.19 7.03
N ARG B 136 -2.52 -11.96 6.42
CA ARG B 136 -2.66 -11.93 4.98
C ARG B 136 -2.87 -10.51 4.50
N VAL B 137 -2.14 -10.13 3.43
CA VAL B 137 -2.24 -8.78 2.86
C VAL B 137 -3.57 -8.58 2.15
N ILE B 138 -4.46 -7.78 2.74
CA ILE B 138 -5.78 -7.49 2.16
C ILE B 138 -5.80 -6.20 1.30
N GLY B 139 -4.66 -5.54 1.15
CA GLY B 139 -4.56 -4.33 0.33
C GLY B 139 -3.32 -3.51 0.57
N LEU B 140 -3.17 -2.40 -0.16
CA LEU B 140 -2.05 -1.48 0.01
C LEU B 140 -2.60 -0.13 0.37
N TYR B 141 -1.92 0.56 1.29
CA TYR B 141 -2.28 1.88 1.77
C TYR B 141 -1.46 2.90 0.98
N GLY B 142 -2.08 3.95 0.42
CA GLY B 142 -1.33 4.93 -0.34
C GLY B 142 -2.12 5.68 -1.40
N ASN B 143 -3.34 5.23 -1.71
CA ASN B 143 -4.17 5.94 -2.69
C ASN B 143 -5.51 6.30 -2.08
N GLY B 144 -5.73 7.57 -1.83
CA GLY B 144 -6.97 8.02 -1.22
C GLY B 144 -7.29 9.47 -1.46
N VAL B 145 -7.97 10.09 -0.50
CA VAL B 145 -8.40 11.48 -0.59
C VAL B 145 -8.23 12.22 0.76
N VAL B 146 -8.12 13.56 0.71
CA VAL B 146 -8.00 14.40 1.91
C VAL B 146 -9.39 14.98 2.23
N ILE B 147 -9.90 14.69 3.42
CA ILE B 147 -11.23 15.11 3.80
C ILE B 147 -11.26 16.53 4.44
N LYS B 148 -12.48 17.04 4.77
CA LYS B 148 -12.77 18.36 5.34
C LYS B 148 -11.75 18.91 6.34
N ASN B 149 -11.37 18.12 7.37
CA ASN B 149 -10.44 18.61 8.38
C ASN B 149 -8.95 18.42 8.07
N GLY B 150 -8.62 18.16 6.81
CA GLY B 150 -7.23 17.99 6.39
C GLY B 150 -6.63 16.61 6.60
N SER B 151 -7.34 15.73 7.33
CA SER B 151 -6.86 14.39 7.59
CA SER B 151 -6.86 14.39 7.59
C SER B 151 -6.91 13.53 6.32
N TYR B 152 -6.01 12.57 6.22
CA TYR B 152 -5.92 11.70 5.06
C TYR B 152 -6.69 10.41 5.24
N VAL B 153 -7.40 9.97 4.19
CA VAL B 153 -8.13 8.72 4.17
C VAL B 153 -7.69 7.98 2.92
N SER B 154 -7.05 6.83 3.07
CA SER B 154 -6.63 6.03 1.92
C SER B 154 -7.61 4.90 1.70
N ALA B 155 -7.73 4.43 0.46
CA ALA B 155 -8.55 3.26 0.17
C ALA B 155 -7.76 1.98 0.52
N ILE B 156 -8.44 0.83 0.67
CA ILE B 156 -7.75 -0.43 0.87
C ILE B 156 -7.65 -1.00 -0.53
N THR B 157 -6.53 -0.73 -1.21
CA THR B 157 -6.36 -1.14 -2.61
C THR B 157 -5.90 -2.56 -2.82
N GLN B 158 -6.73 -3.41 -3.43
CA GLN B 158 -6.35 -4.78 -3.71
C GLN B 158 -6.41 -5.10 -5.21
N GLY B 159 -5.48 -5.92 -5.69
CA GLY B 159 -5.43 -6.32 -7.09
C GLY B 159 -6.14 -7.64 -7.35
N LYS B 160 -6.36 -7.97 -8.64
CA LYS B 160 -7.02 -9.21 -9.03
C LYS B 160 -6.01 -10.34 -9.30
N ARG B 161 -6.18 -11.50 -8.63
CA ARG B 161 -5.31 -12.65 -8.88
C ARG B 161 -5.87 -13.49 -10.07
N GLU B 162 -5.01 -14.26 -10.78
CA GLU B 162 -5.47 -15.04 -11.93
C GLU B 162 -5.57 -16.55 -11.64
S DMS C . 8.84 4.81 -17.25
O DMS C . 7.93 3.64 -17.05
C1 DMS C . 10.52 4.28 -16.87
C2 DMS C . 8.67 5.95 -15.85
N1 A1B9B D . -2.96 11.83 -2.93
N3 A1B9B D . -2.81 8.83 -8.83
C4 A1B9B D . -2.44 10.65 -2.61
C5 A1B9B D . -0.90 10.61 -2.57
C6 A1B9B D . -0.67 9.59 -4.80
C7 A1B9B D . -0.01 10.55 -5.58
C8 A1B9B D . -0.22 10.60 -6.95
C10 A1B9B D . -1.84 8.82 -6.75
C13 A1B9B D . -1.55 9.58 -8.96
C15 A1B9B D . -0.34 9.33 -0.45
C17 A1B9B D . 0.34 10.45 1.61
C20 A1B9B D . -0.14 11.72 -0.43
C1 A1B9B D . -4.45 14.36 -2.04
C2 A1B9B D . -4.92 12.93 -1.91
C3 A1B9B D . -4.40 12.05 -3.02
O1 A1B9B D . -3.10 9.65 -2.38
N2 A1B9B D . -0.44 9.54 -3.44
C9 A1B9B D . -1.16 9.75 -7.52
C11 A1B9B D . -1.62 8.74 -5.38
C12 A1B9B D . -2.74 8.00 -7.62
C14 A1B9B D . -0.41 10.54 -1.14
C16 A1B9B D . 0.06 9.30 0.90
CL1 A1B9B D . 0.22 7.77 1.71
C18 A1B9B D . 0.26 11.66 0.92
N4 A1B9B D . 0.49 12.93 1.33
N5 A1B9B D . 0.24 13.81 0.32
C19 A1B9B D . -0.12 13.11 -0.74
#